data_1B6X
#
_entry.id   1B6X
#
_cell.length_a   1.000
_cell.length_b   1.000
_cell.length_c   1.000
_cell.angle_alpha   90.00
_cell.angle_beta   90.00
_cell.angle_gamma   90.00
#
_symmetry.space_group_name_H-M   'P 1'
#
loop_
_entity.id
_entity.type
_entity.pdbx_description
1 polymer "5'-D(*CP*GP*TP*AP*CP*(EDC)P*CP*AP*TP*GP*C)-3'"
2 polymer "5'-D(*GP*CP*AP*TP*GP*GP*GP*TP*AP*CP*G)-3'"
#
loop_
_entity_poly.entity_id
_entity_poly.type
_entity_poly.pdbx_seq_one_letter_code
_entity_poly.pdbx_strand_id
1 'polydeoxyribonucleotide' (DC)(DG)(DT)(DA)(DC)(EDC)(DC)(DA)(DT)(DG)(DC) A
2 'polydeoxyribonucleotide' (DG)(DC)(DA)(DT)(DG)(DG)(DG)(DT)(DA)(DC)(DG) B
#